data_6LSE
#
_entry.id   6LSE
#
_cell.length_a   62.607
_cell.length_b   77.015
_cell.length_c   156.679
_cell.angle_alpha   90.000
_cell.angle_beta   90.000
_cell.angle_gamma   90.000
#
_symmetry.space_group_name_H-M   'P 21 21 21'
#
loop_
_entity.id
_entity.type
_entity.pdbx_description
1 polymer 'Genome polyprotein'
2 polymer 'RNA (35-MER)'
3 polymer "RNA (5'-R(*UP*GP*UP*UP*CP*GP*AP*CP*GP*AP*GP*AP*GP*AP*GP*AP*CP*CP*U)-3')"
4 non-polymer 'ZINC ION'
5 non-polymer 'SULFATE ION'
6 non-polymer 'PYROPHOSPHATE 2-'
7 water water
#
loop_
_entity_poly.entity_id
_entity_poly.type
_entity_poly.pdbx_seq_one_letter_code
_entity_poly.pdbx_strand_id
1 'polypeptide(L)'
;GEIQWVKPNKETGRLNINGPTRTKLEPSVFHDVFEGNKEPAVLHSKDPRLEVDFEQALFSKYVGNTLYEPDEYIKEAALH
YANQLKQLDIDTSQMSMEEACYGTENLEAIDLHTSAGYPYSALGIKKRDILDSTTRDVSKMKFYMDKYGLDLPYSTYVKD
ELRSIDKIKKGKSRLIEASSLNDSVYLRMTFGHLYETFHANPGTVTGSAVGCNPDTFWSKLPILLPGSLFAFDYSGYDAS
LSPVWFRALELVLREIGYSEEAVSLVEGINHTHHVYRNKTYCVLGGMPSGMSGTSIFNSMINNIIIRALLIKTFKGIDLD
ELNMVAYGDDVLASYPFPIDCLELARTGKEYGLTMTPADKSPCFNEVNWDNATFLKRGFLPDEQFPFLIHPTMPMKEIHE
SIRWTKDARNTQDHVRSLCLLAWHNGKQEYEKFVSAIRSVPVGKALAIPNYENLRRNWLELFHHHHHH
;
A
2 'polyribonucleotide' GGGAGAUGAAAGUCUCCAGGUCUCUCUCGUCGAAA B
3 'polyribonucleotide' UGUUCGACGAGAGAGACCU C
#
loop_
_chem_comp.id
_chem_comp.type
_chem_comp.name
_chem_comp.formula
A RNA linking ADENOSINE-5'-MONOPHOSPHATE 'C10 H14 N5 O7 P'
C RNA linking CYTIDINE-5'-MONOPHOSPHATE 'C9 H14 N3 O8 P'
G RNA linking GUANOSINE-5'-MONOPHOSPHATE 'C10 H14 N5 O8 P'
POP non-polymer 'PYROPHOSPHATE 2-' 'H2 O7 P2 -2'
SO4 non-polymer 'SULFATE ION' 'O4 S -2'
U RNA linking URIDINE-5'-MONOPHOSPHATE 'C9 H13 N2 O9 P'
ZN non-polymer 'ZINC ION' 'Zn 2'
#
# COMPACT_ATOMS: atom_id res chain seq x y z
N GLY A 1 -8.60 14.53 -0.71
CA GLY A 1 -9.90 13.93 -0.44
C GLY A 1 -10.61 14.72 0.64
N GLU A 2 -11.94 14.79 0.55
CA GLU A 2 -12.72 15.65 1.43
C GLU A 2 -14.11 15.06 1.60
N ILE A 3 -14.55 14.93 2.86
CA ILE A 3 -15.90 14.44 3.13
C ILE A 3 -16.90 15.51 2.70
N GLN A 4 -17.87 15.10 1.86
CA GLN A 4 -18.82 16.07 1.31
C GLN A 4 -20.04 16.23 2.21
N TRP A 5 -20.49 15.14 2.82
CA TRP A 5 -21.63 15.17 3.73
C TRP A 5 -21.64 13.91 4.57
N VAL A 6 -22.41 13.96 5.67
CA VAL A 6 -22.65 12.85 6.57
C VAL A 6 -24.15 12.80 6.84
N LYS A 7 -24.75 11.62 6.72
CA LYS A 7 -26.18 11.45 6.97
C LYS A 7 -26.42 10.19 7.79
N PRO A 8 -27.48 10.17 8.60
CA PRO A 8 -27.85 8.92 9.29
C PRO A 8 -28.23 7.85 8.29
N ASN A 9 -28.00 6.59 8.67
CA ASN A 9 -28.38 5.47 7.81
C ASN A 9 -29.89 5.35 7.64
N LYS A 10 -30.67 5.99 8.52
CA LYS A 10 -32.12 6.06 8.31
C LYS A 10 -32.43 6.86 7.05
N GLU A 11 -31.67 7.94 6.81
CA GLU A 11 -31.95 8.81 5.68
C GLU A 11 -31.48 8.20 4.36
N THR A 12 -30.34 7.50 4.36
CA THR A 12 -29.80 6.91 3.13
C THR A 12 -30.34 5.52 2.84
N GLY A 13 -31.01 4.88 3.80
CA GLY A 13 -31.46 3.52 3.60
C GLY A 13 -30.37 2.47 3.57
N ARG A 14 -29.21 2.74 4.19
CA ARG A 14 -28.10 1.80 4.29
C ARG A 14 -28.16 1.05 5.62
N LEU A 15 -27.68 -0.19 5.62
CA LEU A 15 -27.64 -0.97 6.85
C LEU A 15 -26.43 -0.56 7.70
N ASN A 16 -26.55 -0.77 9.01
CA ASN A 16 -25.49 -0.41 9.94
C ASN A 16 -24.26 -1.31 9.75
N ILE A 17 -23.08 -0.78 10.12
CA ILE A 17 -21.78 -1.45 9.96
C ILE A 17 -20.88 -1.13 11.16
N ASN A 18 -20.82 -2.01 12.16
CA ASN A 18 -20.12 -1.69 13.40
C ASN A 18 -18.76 -2.37 13.57
N GLY A 19 -18.67 -3.69 13.37
CA GLY A 19 -17.38 -4.36 13.39
C GLY A 19 -16.75 -4.49 14.77
N PRO A 20 -15.64 -5.20 14.88
CA PRO A 20 -15.06 -5.51 16.20
C PRO A 20 -14.49 -4.28 16.87
N THR A 21 -14.39 -4.35 18.20
CA THR A 21 -13.82 -3.27 19.00
C THR A 21 -12.77 -3.73 20.00
N ARG A 22 -12.55 -5.03 20.14
CA ARG A 22 -11.47 -5.55 20.97
C ARG A 22 -10.35 -6.06 20.07
N THR A 23 -9.12 -5.64 20.36
CA THR A 23 -7.96 -6.11 19.62
C THR A 23 -7.79 -7.63 19.78
N LYS A 24 -7.28 -8.26 18.74
CA LYS A 24 -6.79 -9.63 18.82
C LYS A 24 -5.33 -9.71 19.26
N LEU A 25 -4.63 -8.58 19.28
CA LEU A 25 -3.23 -8.57 19.67
C LEU A 25 -3.10 -8.74 21.19
N GLU A 26 -2.13 -9.55 21.59
CA GLU A 26 -1.80 -9.85 22.97
C GLU A 26 -0.29 -9.80 23.15
N PRO A 27 0.20 -9.46 24.34
CA PRO A 27 1.64 -9.52 24.56
C PRO A 27 2.14 -10.95 24.40
N SER A 28 3.26 -11.08 23.71
CA SER A 28 3.81 -12.40 23.43
C SER A 28 4.82 -12.80 24.51
N VAL A 29 5.30 -14.05 24.43
CA VAL A 29 6.32 -14.51 25.37
C VAL A 29 7.63 -13.73 25.25
N PHE A 30 7.77 -12.88 24.23
CA PHE A 30 8.98 -12.08 24.07
C PHE A 30 8.77 -10.62 24.43
N HIS A 31 7.59 -10.27 24.96
CA HIS A 31 7.22 -8.87 25.16
C HIS A 31 8.25 -8.14 26.01
N ASP A 32 8.78 -8.81 27.02
CA ASP A 32 9.73 -8.25 27.96
C ASP A 32 11.19 -8.57 27.64
N VAL A 33 11.44 -9.38 26.61
CA VAL A 33 12.80 -9.67 26.17
C VAL A 33 13.32 -8.59 25.23
N PHE A 34 12.43 -7.89 24.53
CA PHE A 34 12.85 -6.86 23.59
C PHE A 34 12.17 -5.55 23.97
N GLU A 35 12.85 -4.45 23.69
CA GLU A 35 12.27 -3.13 23.90
C GLU A 35 11.38 -2.76 22.72
N GLY A 36 10.28 -2.09 23.01
CA GLY A 36 9.43 -1.55 21.96
C GLY A 36 8.45 -0.56 22.56
N ASN A 37 7.86 0.25 21.68
CA ASN A 37 6.93 1.28 22.11
C ASN A 37 5.53 1.14 21.55
N LYS A 38 5.32 0.28 20.56
CA LYS A 38 4.00 0.21 19.93
C LYS A 38 3.03 -0.62 20.76
N GLU A 39 1.76 -0.31 20.60
CA GLU A 39 0.70 -1.05 21.27
C GLU A 39 -0.47 -1.20 20.29
N PRO A 40 -1.46 -2.06 20.59
CA PRO A 40 -2.60 -2.21 19.67
C PRO A 40 -3.33 -0.88 19.48
N ALA A 41 -3.77 -0.65 18.23
CA ALA A 41 -4.39 0.62 17.86
C ALA A 41 -5.69 0.85 18.64
N VAL A 42 -6.00 2.13 18.87
CA VAL A 42 -7.31 2.47 19.43
C VAL A 42 -8.40 2.00 18.47
N LEU A 43 -9.32 1.21 18.99
CA LEU A 43 -10.46 0.73 18.22
C LEU A 43 -11.81 1.23 18.72
N HIS A 44 -11.87 1.99 19.82
CA HIS A 44 -13.13 2.37 20.46
C HIS A 44 -13.06 3.81 20.98
N SER A 45 -14.16 4.55 20.76
CA SER A 45 -14.28 5.93 21.21
C SER A 45 -13.90 6.13 22.69
N LYS A 46 -14.08 5.09 23.51
CA LYS A 46 -13.87 5.19 24.96
C LYS A 46 -12.61 4.46 25.42
N ASP A 47 -11.63 4.34 24.54
CA ASP A 47 -10.36 3.75 24.93
C ASP A 47 -9.68 4.65 25.95
N PRO A 48 -9.32 4.14 27.12
CA PRO A 48 -8.75 5.01 28.16
C PRO A 48 -7.47 5.71 27.75
N ARG A 49 -6.73 5.16 26.78
CA ARG A 49 -5.48 5.77 26.36
C ARG A 49 -5.67 7.01 25.49
N LEU A 50 -6.90 7.30 25.03
CA LEU A 50 -7.10 8.42 24.12
C LEU A 50 -6.83 9.74 24.82
N GLU A 51 -6.36 10.72 24.06
CA GLU A 51 -6.16 12.07 24.56
C GLU A 51 -6.85 13.14 23.71
N VAL A 52 -7.53 12.75 22.63
CA VAL A 52 -8.38 13.65 21.85
C VAL A 52 -9.62 12.85 21.46
N ASP A 53 -10.56 13.51 20.78
CA ASP A 53 -11.74 12.82 20.30
C ASP A 53 -11.37 11.85 19.17
N PHE A 54 -11.85 10.62 19.29
CA PHE A 54 -11.47 9.54 18.39
C PHE A 54 -11.90 9.83 16.96
N GLU A 55 -13.21 9.96 16.75
CA GLU A 55 -13.75 10.08 15.40
C GLU A 55 -13.14 11.26 14.65
N GLN A 56 -12.93 12.39 15.34
CA GLN A 56 -12.31 13.54 14.70
C GLN A 56 -10.93 13.17 14.20
N ALA A 57 -10.11 12.58 15.08
CA ALA A 57 -8.80 12.10 14.66
C ALA A 57 -8.92 11.11 13.50
N LEU A 58 -9.89 10.19 13.58
CA LEU A 58 -10.04 9.17 12.53
C LEU A 58 -10.22 9.81 11.16
N PHE A 59 -11.09 10.80 11.05
CA PHE A 59 -11.44 11.34 9.75
C PHE A 59 -10.65 12.60 9.42
N SER A 60 -9.67 12.96 10.26
CA SER A 60 -8.87 14.14 9.96
C SER A 60 -8.02 13.94 8.71
N LYS A 61 -7.76 12.69 8.32
CA LYS A 61 -6.93 12.43 7.14
C LYS A 61 -7.51 13.05 5.88
N TYR A 62 -8.84 13.29 5.85
CA TYR A 62 -9.49 13.93 4.72
C TYR A 62 -9.29 15.45 4.86
N VAL A 63 -8.15 15.92 4.38
CA VAL A 63 -7.67 17.27 4.63
C VAL A 63 -8.23 18.29 3.67
N GLY A 64 -9.00 17.87 2.68
CA GLY A 64 -9.52 18.76 1.66
C GLY A 64 -8.96 18.44 0.28
N ASN A 65 -9.45 19.22 -0.69
CA ASN A 65 -9.05 19.11 -2.08
C ASN A 65 -8.53 20.46 -2.54
N THR A 66 -7.51 20.46 -3.39
CA THR A 66 -7.10 21.71 -4.04
C THR A 66 -7.60 21.72 -5.48
N LEU A 67 -6.78 21.25 -6.40
CA LEU A 67 -7.13 21.27 -7.82
C LEU A 67 -8.13 20.17 -8.18
N TYR A 68 -9.00 20.47 -9.14
CA TYR A 68 -9.95 19.49 -9.63
C TYR A 68 -9.70 19.08 -11.06
N GLU A 69 -9.05 19.91 -11.86
CA GLU A 69 -8.80 19.68 -13.26
C GLU A 69 -7.30 19.81 -13.54
N PRO A 70 -6.76 18.96 -14.42
CA PRO A 70 -5.30 18.98 -14.66
C PRO A 70 -4.85 20.31 -15.25
N ASP A 71 -3.70 20.79 -14.77
CA ASP A 71 -3.02 21.92 -15.38
C ASP A 71 -2.03 21.42 -16.45
N GLU A 72 -1.26 22.36 -17.03
CA GLU A 72 -0.35 22.01 -18.12
C GLU A 72 0.70 20.99 -17.66
N TYR A 73 1.16 21.10 -16.41
CA TYR A 73 2.22 20.22 -15.94
C TYR A 73 1.70 18.81 -15.73
N ILE A 74 0.52 18.68 -15.15
CA ILE A 74 -0.06 17.37 -14.89
C ILE A 74 -0.41 16.66 -16.19
N LYS A 75 -0.90 17.42 -17.19
CA LYS A 75 -1.15 16.85 -18.52
C LYS A 75 0.14 16.34 -19.12
N GLU A 76 1.19 17.17 -19.15
CA GLU A 76 2.47 16.69 -19.68
C GLU A 76 2.96 15.47 -18.88
N ALA A 77 2.88 15.54 -17.55
CA ALA A 77 3.31 14.42 -16.70
C ALA A 77 2.56 13.14 -17.04
N ALA A 78 1.24 13.21 -17.13
CA ALA A 78 0.46 12.01 -17.43
C ALA A 78 0.86 11.43 -18.78
N LEU A 79 1.01 12.30 -19.80
CA LEU A 79 1.32 11.80 -21.13
C LEU A 79 2.72 11.18 -21.18
N HIS A 80 3.69 11.75 -20.47
CA HIS A 80 5.01 11.15 -20.46
C HIS A 80 4.97 9.74 -19.85
N TYR A 81 4.26 9.57 -18.73
CA TYR A 81 4.15 8.24 -18.11
C TYR A 81 3.38 7.29 -19.01
N ALA A 82 2.26 7.74 -19.58
CA ALA A 82 1.47 6.88 -20.45
C ALA A 82 2.28 6.39 -21.65
N ASN A 83 3.07 7.28 -22.26
CA ASN A 83 3.97 6.88 -23.34
C ASN A 83 4.93 5.79 -22.87
N GLN A 84 5.51 5.98 -21.67
CA GLN A 84 6.43 4.98 -21.12
C GLN A 84 5.74 3.62 -20.98
N LEU A 85 4.52 3.61 -20.48
CA LEU A 85 3.80 2.34 -20.31
C LEU A 85 3.49 1.64 -21.63
N LYS A 86 3.53 2.37 -22.75
CA LYS A 86 3.10 1.78 -24.03
C LYS A 86 3.97 0.59 -24.42
N GLN A 87 5.26 0.64 -24.11
CA GLN A 87 6.18 -0.46 -24.43
C GLN A 87 5.82 -1.77 -23.74
N LEU A 88 4.82 -1.80 -22.84
CA LEU A 88 4.41 -3.05 -22.21
C LEU A 88 3.27 -3.74 -22.94
N ASP A 89 2.67 -3.10 -23.96
CA ASP A 89 1.55 -3.67 -24.72
C ASP A 89 0.49 -4.25 -23.79
N ILE A 90 0.07 -3.41 -22.83
CA ILE A 90 -0.98 -3.83 -21.90
C ILE A 90 -2.23 -4.20 -22.69
N ASP A 91 -2.76 -5.37 -22.42
CA ASP A 91 -4.03 -5.82 -22.98
C ASP A 91 -5.16 -5.04 -22.31
N THR A 92 -5.78 -4.10 -23.04
CA THR A 92 -6.90 -3.35 -22.49
C THR A 92 -8.24 -4.07 -22.62
N SER A 93 -8.25 -5.32 -23.04
CA SER A 93 -9.48 -6.05 -23.22
C SER A 93 -10.04 -6.52 -21.87
N GLN A 94 -11.36 -6.58 -21.79
CA GLN A 94 -11.99 -7.03 -20.57
C GLN A 94 -11.55 -8.46 -20.27
N MET A 95 -11.16 -8.68 -19.03
CA MET A 95 -10.81 -10.02 -18.60
C MET A 95 -12.08 -10.82 -18.37
N SER A 96 -12.01 -12.12 -18.65
CA SER A 96 -13.17 -12.98 -18.39
C SER A 96 -13.53 -12.95 -16.92
N MET A 97 -14.85 -13.02 -16.64
CA MET A 97 -15.28 -13.11 -15.25
C MET A 97 -14.72 -14.34 -14.56
N GLU A 98 -14.56 -15.45 -15.29
CA GLU A 98 -13.97 -16.63 -14.70
C GLU A 98 -12.56 -16.35 -14.21
N GLU A 99 -11.78 -15.59 -14.97
CA GLU A 99 -10.42 -15.26 -14.58
C GLU A 99 -10.38 -14.17 -13.51
N ALA A 100 -11.30 -13.20 -13.59
CA ALA A 100 -11.33 -12.11 -12.62
C ALA A 100 -11.60 -12.61 -11.21
N CYS A 101 -12.49 -13.61 -11.08
CA CYS A 101 -12.81 -14.18 -9.78
C CYS A 101 -11.76 -15.17 -9.32
N TYR A 102 -11.31 -16.06 -10.21
CA TYR A 102 -10.54 -17.23 -9.81
C TYR A 102 -9.06 -17.13 -10.15
N GLY A 103 -8.65 -16.16 -10.94
CA GLY A 103 -7.25 -15.82 -11.04
C GLY A 103 -6.59 -16.40 -12.28
N THR A 104 -5.36 -15.91 -12.50
CA THR A 104 -4.50 -16.34 -13.59
C THR A 104 -3.08 -16.51 -13.05
N GLU A 105 -2.14 -16.76 -13.96
CA GLU A 105 -0.76 -16.96 -13.57
C GLU A 105 -0.20 -15.75 -12.85
N ASN A 106 -0.66 -14.55 -13.23
CA ASN A 106 -0.12 -13.31 -12.70
C ASN A 106 -1.15 -12.48 -11.93
N LEU A 107 -2.35 -13.02 -11.70
CA LEU A 107 -3.36 -12.34 -10.90
C LEU A 107 -3.94 -13.32 -9.90
N GLU A 108 -3.71 -13.09 -8.62
CA GLU A 108 -4.25 -13.95 -7.58
C GLU A 108 -5.77 -13.90 -7.56
N ALA A 109 -6.37 -15.03 -7.19
CA ALA A 109 -7.81 -15.15 -7.11
C ALA A 109 -8.36 -14.26 -6.01
N ILE A 110 -9.63 -13.89 -6.15
CA ILE A 110 -10.32 -13.15 -5.10
C ILE A 110 -10.22 -13.92 -3.79
N ASP A 111 -9.91 -13.22 -2.71
CA ASP A 111 -9.72 -13.83 -1.40
C ASP A 111 -11.05 -14.35 -0.86
N LEU A 112 -11.17 -15.66 -0.71
CA LEU A 112 -12.42 -16.26 -0.28
C LEU A 112 -12.56 -16.33 1.23
N HIS A 113 -11.50 -16.02 1.98
CA HIS A 113 -11.52 -15.99 3.44
C HIS A 113 -11.88 -14.62 4.03
N THR A 114 -12.23 -13.63 3.20
CA THR A 114 -12.60 -12.32 3.71
C THR A 114 -14.04 -11.98 3.35
N SER A 115 -14.56 -10.93 3.98
CA SER A 115 -15.94 -10.49 3.77
C SER A 115 -16.19 -10.19 2.29
N ALA A 116 -17.44 -10.37 1.88
CA ALA A 116 -17.93 -9.95 0.57
C ALA A 116 -18.47 -8.51 0.56
N GLY A 117 -18.53 -7.86 1.71
CA GLY A 117 -18.91 -6.45 1.75
C GLY A 117 -20.40 -6.21 1.62
N TYR A 118 -20.74 -4.96 1.30
CA TYR A 118 -22.14 -4.55 1.17
C TYR A 118 -22.77 -5.18 -0.07
N PRO A 119 -24.00 -5.72 0.03
CA PRO A 119 -24.75 -5.84 1.30
C PRO A 119 -24.58 -7.21 1.92
N TYR A 120 -23.79 -8.05 1.23
CA TYR A 120 -23.72 -9.47 1.52
C TYR A 120 -23.41 -9.74 2.98
N SER A 121 -22.51 -8.93 3.57
CA SER A 121 -22.11 -9.16 4.94
C SER A 121 -23.29 -9.03 5.90
N ALA A 122 -24.09 -7.97 5.74
CA ALA A 122 -25.25 -7.79 6.62
C ALA A 122 -26.36 -8.80 6.34
N LEU A 123 -26.34 -9.47 5.19
CA LEU A 123 -27.27 -10.55 4.87
C LEU A 123 -26.70 -11.94 5.16
N GLY A 124 -25.54 -12.03 5.82
CA GLY A 124 -24.97 -13.33 6.12
C GLY A 124 -24.57 -14.16 4.92
N ILE A 125 -24.33 -13.52 3.78
CA ILE A 125 -23.93 -14.20 2.55
C ILE A 125 -22.42 -14.05 2.42
N LYS A 126 -21.70 -15.17 2.53
CA LYS A 126 -20.25 -15.15 2.41
C LYS A 126 -19.86 -15.32 0.94
N LYS A 127 -18.58 -15.04 0.65
CA LYS A 127 -18.10 -15.22 -0.71
C LYS A 127 -18.21 -16.68 -1.16
N ARG A 128 -18.02 -17.62 -0.24
CA ARG A 128 -18.08 -19.04 -0.58
C ARG A 128 -19.49 -19.53 -0.90
N ASP A 129 -20.52 -18.72 -0.62
CA ASP A 129 -21.87 -19.06 -1.06
C ASP A 129 -22.14 -18.65 -2.50
N ILE A 130 -21.16 -18.09 -3.19
CA ILE A 130 -21.34 -17.62 -4.57
C ILE A 130 -20.23 -18.15 -5.48
N LEU A 131 -19.01 -18.19 -4.97
CA LEU A 131 -17.83 -18.59 -5.74
C LEU A 131 -17.26 -19.90 -5.20
N ASP A 132 -16.64 -20.68 -6.09
CA ASP A 132 -16.13 -22.00 -5.72
C ASP A 132 -14.86 -22.28 -6.50
N SER A 133 -13.73 -22.43 -5.78
CA SER A 133 -12.46 -22.67 -6.45
C SER A 133 -12.51 -23.93 -7.31
N THR A 134 -12.95 -25.05 -6.72
CA THR A 134 -13.02 -26.31 -7.45
C THR A 134 -13.91 -26.21 -8.69
N THR A 135 -15.11 -25.62 -8.55
CA THR A 135 -16.09 -25.59 -9.62
C THR A 135 -15.89 -24.45 -10.61
N ARG A 136 -15.21 -23.36 -10.21
CA ARG A 136 -14.97 -22.19 -11.07
C ARG A 136 -16.25 -21.70 -11.74
N ASP A 137 -17.32 -21.62 -10.96
CA ASP A 137 -18.61 -21.17 -11.45
C ASP A 137 -18.72 -19.65 -11.37
N VAL A 138 -19.37 -19.06 -12.38
CA VAL A 138 -19.69 -17.64 -12.39
C VAL A 138 -21.18 -17.37 -12.57
N SER A 139 -22.00 -18.43 -12.70
CA SER A 139 -23.44 -18.24 -12.85
C SER A 139 -24.05 -17.55 -11.63
N LYS A 140 -23.63 -17.95 -10.42
CA LYS A 140 -24.17 -17.33 -9.22
C LYS A 140 -23.69 -15.89 -9.05
N MET A 141 -22.41 -15.62 -9.39
CA MET A 141 -21.90 -14.26 -9.28
C MET A 141 -22.62 -13.31 -10.22
N LYS A 142 -22.76 -13.71 -11.50
CA LYS A 142 -23.50 -12.91 -12.47
C LYS A 142 -24.89 -12.58 -11.96
N PHE A 143 -25.54 -13.53 -11.28
CA PHE A 143 -26.87 -13.29 -10.74
C PHE A 143 -26.84 -12.18 -9.69
N TYR A 144 -25.91 -12.26 -8.75
CA TYR A 144 -25.80 -11.26 -7.69
C TYR A 144 -25.24 -9.93 -8.18
N MET A 145 -24.47 -9.92 -9.27
CA MET A 145 -24.05 -8.66 -9.86
C MET A 145 -25.24 -7.88 -10.38
N ASP A 146 -26.07 -8.55 -11.20
CA ASP A 146 -27.24 -7.89 -11.77
C ASP A 146 -28.28 -7.56 -10.70
N LYS A 147 -28.30 -8.32 -9.60
CA LYS A 147 -29.26 -8.05 -8.54
C LYS A 147 -28.89 -6.81 -7.75
N TYR A 148 -27.61 -6.65 -7.42
CA TYR A 148 -27.16 -5.58 -6.54
C TYR A 148 -26.39 -4.47 -7.25
N GLY A 149 -25.93 -4.69 -8.48
CA GLY A 149 -25.32 -3.62 -9.25
C GLY A 149 -23.89 -3.32 -8.86
N LEU A 150 -23.46 -2.10 -9.14
CA LEU A 150 -22.11 -1.62 -8.90
C LEU A 150 -22.18 -0.31 -8.13
N ASP A 151 -21.00 0.27 -7.86
CA ASP A 151 -20.89 1.48 -7.06
C ASP A 151 -21.54 1.31 -5.68
N LEU A 152 -21.43 0.11 -5.13
CA LEU A 152 -21.92 -0.15 -3.80
C LEU A 152 -21.04 0.53 -2.75
N PRO A 153 -21.62 1.00 -1.66
CA PRO A 153 -20.83 1.73 -0.67
C PRO A 153 -19.82 0.82 0.02
N TYR A 154 -18.67 1.41 0.36
CA TYR A 154 -17.67 0.75 1.16
C TYR A 154 -18.11 0.68 2.62
N SER A 155 -17.69 -0.38 3.30
CA SER A 155 -17.94 -0.52 4.73
C SER A 155 -16.66 -0.17 5.47
N THR A 156 -16.73 0.85 6.33
CA THR A 156 -15.55 1.37 7.02
C THR A 156 -15.31 0.58 8.32
N TYR A 157 -14.05 0.20 8.57
CA TYR A 157 -13.63 -0.48 9.80
C TYR A 157 -12.30 0.07 10.26
N VAL A 158 -12.10 0.07 11.57
CA VAL A 158 -10.81 0.51 12.11
C VAL A 158 -9.86 -0.68 12.08
N LYS A 159 -8.62 -0.45 11.65
CA LYS A 159 -7.67 -1.54 11.45
C LYS A 159 -7.00 -1.94 12.77
N ASP A 160 -7.14 -3.20 13.14
CA ASP A 160 -6.51 -3.78 14.33
C ASP A 160 -5.04 -4.05 14.04
N GLU A 161 -4.14 -3.27 14.63
CA GLU A 161 -2.72 -3.41 14.30
C GLU A 161 -1.91 -2.66 15.34
N LEU A 162 -0.60 -2.89 15.33
CA LEU A 162 0.28 -2.13 16.21
C LEU A 162 0.41 -0.69 15.73
N ARG A 163 0.51 0.25 16.67
CA ARG A 163 0.73 1.67 16.36
C ARG A 163 1.66 2.27 17.40
N SER A 164 2.42 3.27 16.98
CA SER A 164 3.33 3.92 17.91
C SER A 164 2.55 4.55 19.06
N ILE A 165 3.26 4.80 20.15
CA ILE A 165 2.60 5.32 21.34
C ILE A 165 2.03 6.71 21.08
N ASP A 166 2.60 7.46 20.13
CA ASP A 166 2.06 8.77 19.83
C ASP A 166 0.73 8.68 19.07
N LYS A 167 0.60 7.73 18.14
CA LYS A 167 -0.66 7.60 17.42
C LYS A 167 -1.74 6.95 18.26
N ILE A 168 -1.39 6.29 19.37
CA ILE A 168 -2.40 5.83 20.31
C ILE A 168 -3.05 7.02 21.00
N LYS A 169 -2.23 7.97 21.49
CA LYS A 169 -2.76 9.14 22.16
C LYS A 169 -3.57 10.01 21.21
N LYS A 170 -3.05 10.25 20.00
CA LYS A 170 -3.68 11.14 19.02
C LYS A 170 -4.85 10.51 18.27
N GLY A 171 -5.26 9.31 18.64
CA GLY A 171 -6.37 8.64 17.97
C GLY A 171 -6.15 8.28 16.51
N LYS A 172 -4.92 8.42 16.01
CA LYS A 172 -4.63 8.19 14.60
C LYS A 172 -4.46 6.70 14.33
N SER A 173 -5.57 5.96 14.45
CA SER A 173 -5.66 4.62 13.91
C SER A 173 -6.07 4.68 12.44
N ARG A 174 -5.83 3.58 11.73
CA ARG A 174 -6.10 3.60 10.30
C ARG A 174 -7.48 3.01 10.01
N LEU A 175 -8.06 3.45 8.90
CA LEU A 175 -9.35 2.96 8.46
C LEU A 175 -9.13 2.08 7.26
N ILE A 176 -9.94 1.03 7.15
CA ILE A 176 -10.01 0.22 5.95
C ILE A 176 -11.40 0.34 5.38
N GLU A 177 -11.49 0.36 4.07
CA GLU A 177 -12.73 0.54 3.34
C GLU A 177 -13.01 -0.79 2.64
N ALA A 178 -13.83 -1.61 3.28
CA ALA A 178 -14.24 -2.89 2.73
C ALA A 178 -15.06 -2.72 1.46
N SER A 179 -14.47 -3.07 0.32
CA SER A 179 -15.19 -3.02 -0.93
C SER A 179 -16.30 -4.07 -0.94
N SER A 180 -17.30 -3.83 -1.78
CA SER A 180 -18.30 -4.84 -2.07
C SER A 180 -17.73 -5.83 -3.06
N LEU A 181 -18.16 -7.10 -2.95
CA LEU A 181 -17.65 -8.12 -3.87
C LEU A 181 -17.91 -7.73 -5.33
N ASN A 182 -19.10 -7.20 -5.61
CA ASN A 182 -19.46 -6.82 -6.97
C ASN A 182 -18.41 -5.91 -7.58
N ASP A 183 -18.03 -4.86 -6.85
CA ASP A 183 -17.12 -3.88 -7.40
C ASP A 183 -15.72 -4.46 -7.62
N SER A 184 -15.27 -5.31 -6.70
CA SER A 184 -14.01 -6.01 -6.93
C SER A 184 -14.05 -6.80 -8.22
N VAL A 185 -15.11 -7.58 -8.44
CA VAL A 185 -15.22 -8.38 -9.66
C VAL A 185 -15.17 -7.48 -10.88
N TYR A 186 -15.92 -6.37 -10.87
CA TYR A 186 -15.97 -5.53 -12.06
C TYR A 186 -14.64 -4.80 -12.29
N LEU A 187 -14.00 -4.36 -11.20
CA LEU A 187 -12.69 -3.73 -11.35
C LEU A 187 -11.68 -4.73 -11.91
N ARG A 188 -11.74 -5.97 -11.45
CA ARG A 188 -10.79 -6.97 -11.94
C ARG A 188 -11.10 -7.38 -13.37
N MET A 189 -12.38 -7.39 -13.76
CA MET A 189 -12.70 -7.62 -15.17
C MET A 189 -12.12 -6.53 -16.05
N THR A 190 -12.20 -5.27 -15.60
CA THR A 190 -11.81 -4.14 -16.43
C THR A 190 -10.30 -4.00 -16.53
N PHE A 191 -9.60 -4.11 -15.40
CA PHE A 191 -8.17 -3.83 -15.36
C PHE A 191 -7.32 -5.06 -15.03
N GLY A 192 -7.92 -6.24 -15.02
CA GLY A 192 -7.19 -7.44 -14.66
C GLY A 192 -5.89 -7.61 -15.43
N HIS A 193 -5.91 -7.36 -16.73
CA HIS A 193 -4.71 -7.57 -17.54
C HIS A 193 -3.63 -6.53 -17.21
N LEU A 194 -4.04 -5.30 -16.88
CA LEU A 194 -3.06 -4.32 -16.41
C LEU A 194 -2.42 -4.79 -15.10
N TYR A 195 -3.23 -5.37 -14.21
CA TYR A 195 -2.70 -5.90 -12.96
C TYR A 195 -1.65 -6.97 -13.23
N GLU A 196 -1.96 -7.91 -14.13
CA GLU A 196 -1.01 -8.95 -14.50
C GLU A 196 0.30 -8.33 -14.96
N THR A 197 0.21 -7.41 -15.92
CA THR A 197 1.39 -6.77 -16.49
C THR A 197 2.24 -6.13 -15.40
N PHE A 198 1.59 -5.41 -14.48
CA PHE A 198 2.32 -4.75 -13.41
C PHE A 198 2.97 -5.76 -12.48
N HIS A 199 2.19 -6.74 -12.01
CA HIS A 199 2.76 -7.76 -11.12
C HIS A 199 3.96 -8.45 -11.75
N ALA A 200 3.94 -8.66 -13.06
CA ALA A 200 5.05 -9.36 -13.69
C ALA A 200 6.23 -8.46 -13.99
N ASN A 201 6.09 -7.14 -13.86
CA ASN A 201 7.13 -6.20 -14.29
C ASN A 201 7.43 -5.12 -13.24
N PRO A 202 7.76 -5.51 -12.00
CA PRO A 202 8.26 -4.52 -11.04
C PRO A 202 9.54 -3.89 -11.56
N GLY A 203 9.62 -2.56 -11.48
CA GLY A 203 10.80 -1.87 -11.99
C GLY A 203 10.46 -0.50 -12.54
N THR A 204 11.38 0.03 -13.34
CA THR A 204 11.35 1.43 -13.76
C THR A 204 10.58 1.66 -15.06
N VAL A 205 10.08 0.62 -15.72
CA VAL A 205 9.18 0.82 -16.86
C VAL A 205 7.74 1.04 -16.36
N THR A 206 7.22 0.08 -15.57
CA THR A 206 5.99 0.34 -14.84
C THR A 206 6.15 1.47 -13.83
N GLY A 207 7.38 1.74 -13.39
CA GLY A 207 7.57 2.64 -12.26
C GLY A 207 6.94 2.13 -10.98
N SER A 208 6.79 0.80 -10.83
CA SER A 208 6.08 0.26 -9.70
C SER A 208 6.86 -0.93 -9.13
N ALA A 209 6.87 -1.08 -7.81
CA ALA A 209 7.56 -2.22 -7.19
C ALA A 209 6.59 -3.26 -6.68
N VAL A 210 5.31 -3.12 -7.01
CA VAL A 210 4.34 -4.13 -6.63
C VAL A 210 4.70 -5.44 -7.32
N GLY A 211 4.83 -6.49 -6.53
CA GLY A 211 5.30 -7.76 -7.05
C GLY A 211 6.79 -7.98 -6.91
N CYS A 212 7.55 -7.02 -6.38
CA CYS A 212 8.98 -7.23 -6.21
C CYS A 212 9.27 -8.19 -5.05
N ASN A 213 10.40 -8.90 -5.16
CA ASN A 213 10.90 -9.64 -4.02
C ASN A 213 12.17 -8.95 -3.54
N PRO A 214 12.15 -8.31 -2.37
CA PRO A 214 13.28 -7.45 -1.98
C PRO A 214 14.62 -8.19 -1.90
N ASP A 215 14.60 -9.48 -1.51
CA ASP A 215 15.83 -10.27 -1.43
C ASP A 215 16.64 -10.16 -2.72
N THR A 216 15.98 -10.15 -3.88
CA THR A 216 16.65 -10.01 -5.16
C THR A 216 16.45 -8.66 -5.83
N PHE A 217 15.33 -7.98 -5.56
CA PHE A 217 15.05 -6.71 -6.21
C PHE A 217 16.03 -5.64 -5.77
N TRP A 218 16.46 -5.66 -4.51
CA TRP A 218 17.37 -4.64 -4.00
C TRP A 218 18.67 -4.57 -4.82
N SER A 219 19.18 -5.71 -5.29
CA SER A 219 20.42 -5.67 -6.07
C SER A 219 20.23 -4.97 -7.40
N LYS A 220 19.01 -5.02 -7.98
CA LYS A 220 18.71 -4.34 -9.24
C LYS A 220 18.52 -2.83 -9.10
N LEU A 221 18.20 -2.34 -7.90
CA LEU A 221 17.77 -0.97 -7.74
C LEU A 221 18.87 0.05 -8.02
N PRO A 222 20.10 -0.14 -7.53
CA PRO A 222 21.17 0.81 -7.90
C PRO A 222 21.45 0.88 -9.39
N ILE A 223 21.05 -0.14 -10.16
CA ILE A 223 21.24 -0.12 -11.60
C ILE A 223 20.03 0.48 -12.30
N LEU A 224 18.83 0.24 -11.77
CA LEU A 224 17.63 0.86 -12.34
C LEU A 224 17.57 2.36 -12.03
N LEU A 225 18.18 2.79 -10.92
CA LEU A 225 18.11 4.19 -10.47
C LEU A 225 19.49 4.82 -10.43
N PRO A 226 20.18 4.94 -11.59
CA PRO A 226 21.54 5.51 -11.58
C PRO A 226 21.46 6.99 -11.29
N GLY A 227 22.61 7.55 -10.89
CA GLY A 227 22.73 8.98 -10.62
C GLY A 227 22.44 9.38 -9.18
N SER A 228 21.92 10.59 -8.97
CA SER A 228 21.61 11.11 -7.64
C SER A 228 20.20 10.73 -7.23
N LEU A 229 20.06 10.27 -5.98
CA LEU A 229 18.78 9.81 -5.49
C LEU A 229 17.99 10.94 -4.89
N PHE A 230 16.67 10.80 -4.91
CA PHE A 230 15.82 11.66 -4.11
C PHE A 230 14.59 10.87 -3.69
N ALA A 231 14.07 11.20 -2.51
CA ALA A 231 12.92 10.53 -1.91
C ALA A 231 12.40 11.42 -0.81
N PHE A 232 11.20 11.10 -0.34
CA PHE A 232 10.52 11.90 0.68
C PHE A 232 9.30 11.08 1.14
N ASP A 233 8.71 11.51 2.26
CA ASP A 233 7.49 10.89 2.77
C ASP A 233 6.26 11.77 2.49
N TYR A 234 5.13 11.11 2.30
CA TYR A 234 3.83 11.78 2.30
C TYR A 234 3.18 11.58 3.66
N SER A 235 2.46 12.59 4.14
CA SER A 235 1.52 12.39 5.23
C SER A 235 0.15 12.11 4.63
N GLY A 236 -0.42 10.96 4.98
CA GLY A 236 -1.75 10.56 4.52
C GLY A 236 -1.92 10.74 3.02
N TYR A 237 -1.05 10.09 2.23
CA TYR A 237 -1.08 10.22 0.78
C TYR A 237 -2.46 9.93 0.20
N ASP A 238 -2.99 8.75 0.47
CA ASP A 238 -4.23 8.29 -0.14
C ASP A 238 -5.32 9.31 0.06
N ALA A 239 -5.54 9.73 1.30
CA ALA A 239 -6.69 10.54 1.64
C ALA A 239 -6.50 11.98 1.20
N SER A 240 -5.25 12.40 0.95
CA SER A 240 -4.92 13.74 0.52
C SER A 240 -5.08 13.95 -0.97
N LEU A 241 -5.25 12.88 -1.75
CA LEU A 241 -5.36 13.00 -3.21
C LEU A 241 -6.57 13.85 -3.60
N SER A 242 -6.32 14.93 -4.32
CA SER A 242 -7.37 15.78 -4.88
C SER A 242 -7.93 15.14 -6.16
N PRO A 243 -9.11 15.57 -6.60
CA PRO A 243 -9.66 14.95 -7.81
C PRO A 243 -8.81 15.15 -9.05
N VAL A 244 -7.93 16.14 -9.07
CA VAL A 244 -7.09 16.34 -10.26
C VAL A 244 -6.34 15.04 -10.58
N TRP A 245 -5.93 14.29 -9.56
CA TRP A 245 -5.07 13.11 -9.81
C TRP A 245 -5.86 11.97 -10.41
N PHE A 246 -7.18 11.90 -10.16
CA PHE A 246 -7.97 10.88 -10.84
C PHE A 246 -8.25 11.28 -12.30
N ARG A 247 -8.50 12.56 -12.55
CA ARG A 247 -8.52 13.04 -13.93
C ARG A 247 -7.21 12.70 -14.64
N ALA A 248 -6.09 12.99 -13.99
CA ALA A 248 -4.79 12.60 -14.55
C ALA A 248 -4.72 11.09 -14.79
N LEU A 249 -5.28 10.27 -13.89
CA LEU A 249 -5.26 8.83 -14.15
C LEU A 249 -6.07 8.49 -15.40
N GLU A 250 -7.25 9.14 -15.55
CA GLU A 250 -8.05 8.96 -16.76
C GLU A 250 -7.23 9.25 -18.01
N LEU A 251 -6.49 10.36 -18.02
CA LEU A 251 -5.60 10.67 -19.14
C LEU A 251 -4.66 9.50 -19.44
N VAL A 252 -4.00 8.97 -18.41
CA VAL A 252 -3.06 7.86 -18.61
C VAL A 252 -3.79 6.66 -19.21
N LEU A 253 -4.95 6.31 -18.67
CA LEU A 253 -5.64 5.09 -19.10
C LEU A 253 -6.14 5.19 -20.53
N ARG A 254 -6.67 6.36 -20.91
CA ARG A 254 -7.13 6.54 -22.28
C ARG A 254 -5.98 6.44 -23.28
N GLU A 255 -4.86 7.09 -22.96
CA GLU A 255 -3.76 7.17 -23.89
C GLU A 255 -3.14 5.81 -24.18
N ILE A 256 -3.32 4.83 -23.28
CA ILE A 256 -2.80 3.48 -23.51
C ILE A 256 -3.87 2.55 -24.09
N GLY A 257 -5.01 3.09 -24.51
CA GLY A 257 -5.95 2.34 -25.30
C GLY A 257 -7.20 1.85 -24.60
N TYR A 258 -7.51 2.35 -23.41
CA TYR A 258 -8.68 1.87 -22.71
C TYR A 258 -9.94 2.49 -23.31
N SER A 259 -10.97 1.67 -23.50
CA SER A 259 -12.26 2.12 -23.97
C SER A 259 -12.87 3.10 -22.99
N GLU A 260 -13.79 3.93 -23.49
CA GLU A 260 -14.41 4.94 -22.64
C GLU A 260 -15.20 4.30 -21.52
N GLU A 261 -15.69 3.08 -21.70
CA GLU A 261 -16.37 2.40 -20.61
C GLU A 261 -15.40 2.06 -19.50
N ALA A 262 -14.19 1.62 -19.86
CA ALA A 262 -13.19 1.31 -18.84
C ALA A 262 -12.77 2.57 -18.09
N VAL A 263 -12.49 3.65 -18.82
CA VAL A 263 -12.01 4.88 -18.22
C VAL A 263 -13.06 5.54 -17.33
N SER A 264 -14.35 5.26 -17.56
CA SER A 264 -15.37 5.91 -16.75
C SER A 264 -15.45 5.34 -15.34
N LEU A 265 -14.72 4.26 -15.03
CA LEU A 265 -14.75 3.74 -13.67
C LEU A 265 -13.96 4.60 -12.69
N VAL A 266 -12.99 5.39 -13.18
CA VAL A 266 -12.17 6.20 -12.28
C VAL A 266 -13.02 7.16 -11.44
N GLU A 267 -14.10 7.70 -12.01
CA GLU A 267 -14.94 8.61 -11.22
C GLU A 267 -15.60 7.86 -10.07
N GLY A 268 -15.87 6.56 -10.25
CA GLY A 268 -16.33 5.73 -9.15
C GLY A 268 -15.31 5.52 -8.05
N ILE A 269 -14.04 5.80 -8.33
CA ILE A 269 -13.00 5.80 -7.31
C ILE A 269 -12.83 7.18 -6.70
N ASN A 270 -12.90 8.21 -7.54
CA ASN A 270 -12.82 9.59 -7.08
C ASN A 270 -13.98 9.95 -6.15
N HIS A 271 -15.17 9.40 -6.42
CA HIS A 271 -16.39 9.77 -5.69
C HIS A 271 -17.03 8.52 -5.09
N THR A 272 -16.89 8.35 -3.78
CA THR A 272 -17.30 7.10 -3.12
C THR A 272 -18.19 7.38 -1.92
N HIS A 273 -19.03 6.42 -1.61
CA HIS A 273 -19.90 6.48 -0.44
C HIS A 273 -19.53 5.35 0.51
N HIS A 274 -19.60 5.65 1.81
CA HIS A 274 -19.08 4.75 2.83
C HIS A 274 -20.08 4.69 3.97
N VAL A 275 -20.22 3.51 4.56
CA VAL A 275 -21.02 3.31 5.77
C VAL A 275 -20.06 3.01 6.91
N TYR A 276 -19.97 3.94 7.84
CA TYR A 276 -19.29 3.74 9.11
C TYR A 276 -20.32 3.74 10.24
N ARG A 277 -20.45 2.62 10.95
CA ARG A 277 -21.39 2.49 12.05
C ARG A 277 -22.82 2.69 11.54
N ASN A 278 -23.49 3.75 12.00
CA ASN A 278 -24.88 4.02 11.67
C ASN A 278 -25.04 5.22 10.76
N LYS A 279 -23.99 5.59 10.03
CA LYS A 279 -23.94 6.80 9.23
C LYS A 279 -23.35 6.49 7.86
N THR A 280 -23.87 7.18 6.85
CA THR A 280 -23.36 7.12 5.50
C THR A 280 -22.64 8.43 5.21
N TYR A 281 -21.48 8.35 4.56
CA TYR A 281 -20.79 9.58 4.20
C TYR A 281 -20.20 9.47 2.80
N CYS A 282 -19.98 10.66 2.23
CA CYS A 282 -19.52 10.85 0.86
C CYS A 282 -18.11 11.42 0.88
N VAL A 283 -17.23 10.86 0.05
CA VAL A 283 -15.85 11.30 -0.07
C VAL A 283 -15.56 11.64 -1.52
N LEU A 284 -15.07 12.86 -1.73
CA LEU A 284 -14.66 13.36 -3.03
C LEU A 284 -13.16 13.51 -3.04
N GLY A 285 -12.50 12.85 -3.98
CA GLY A 285 -11.06 12.67 -3.90
C GLY A 285 -10.74 11.55 -2.92
N GLY A 286 -9.43 11.29 -2.78
CA GLY A 286 -8.92 10.28 -1.87
C GLY A 286 -9.07 8.87 -2.40
N MET A 287 -7.99 8.08 -2.37
CA MET A 287 -8.11 6.70 -2.87
C MET A 287 -8.67 5.80 -1.76
N PRO A 288 -9.69 5.00 -2.05
CA PRO A 288 -10.19 4.06 -1.02
C PRO A 288 -9.19 2.94 -0.79
N SER A 289 -8.84 2.71 0.48
CA SER A 289 -8.02 1.55 0.85
C SER A 289 -8.95 0.36 1.03
N GLY A 290 -8.75 -0.67 0.23
CA GLY A 290 -9.62 -1.86 0.31
C GLY A 290 -10.37 -2.11 -0.98
N MET A 291 -10.00 -1.38 -2.00
CA MET A 291 -10.54 -1.54 -3.34
C MET A 291 -9.55 -2.36 -4.17
N SER A 292 -10.08 -3.18 -5.07
CA SER A 292 -9.23 -3.82 -6.07
C SER A 292 -8.42 -2.75 -6.80
N GLY A 293 -7.10 -2.96 -6.84
CA GLY A 293 -6.20 -2.06 -7.54
C GLY A 293 -5.58 -0.94 -6.72
N THR A 294 -5.89 -0.84 -5.42
CA THR A 294 -5.42 0.28 -4.60
C THR A 294 -3.91 0.49 -4.73
N SER A 295 -3.13 -0.56 -4.52
CA SER A 295 -1.68 -0.45 -4.58
C SER A 295 -1.22 0.04 -5.95
N ILE A 296 -1.77 -0.56 -7.01
CA ILE A 296 -1.32 -0.25 -8.36
C ILE A 296 -1.76 1.15 -8.77
N PHE A 297 -3.03 1.51 -8.49
CA PHE A 297 -3.46 2.85 -8.88
C PHE A 297 -2.74 3.92 -8.07
N ASN A 298 -2.54 3.71 -6.76
CA ASN A 298 -1.73 4.65 -5.99
C ASN A 298 -0.33 4.78 -6.60
N SER A 299 0.26 3.65 -6.99
CA SER A 299 1.60 3.73 -7.59
C SER A 299 1.58 4.46 -8.94
N MET A 300 0.54 4.24 -9.75
CA MET A 300 0.45 4.92 -11.05
C MET A 300 0.30 6.42 -10.86
N ILE A 301 -0.61 6.83 -9.95
CA ILE A 301 -0.78 8.26 -9.68
C ILE A 301 0.54 8.88 -9.21
N ASN A 302 1.28 8.16 -8.35
CA ASN A 302 2.54 8.68 -7.87
C ASN A 302 3.51 8.95 -9.02
N ASN A 303 3.51 8.08 -10.04
CA ASN A 303 4.35 8.33 -11.20
C ASN A 303 3.97 9.62 -11.91
N ILE A 304 2.67 9.96 -11.93
CA ILE A 304 2.22 11.22 -12.49
C ILE A 304 2.68 12.38 -11.62
N ILE A 305 2.54 12.22 -10.29
CA ILE A 305 2.85 13.28 -9.35
C ILE A 305 4.32 13.66 -9.42
N ILE A 306 5.22 12.68 -9.39
CA ILE A 306 6.64 13.00 -9.39
C ILE A 306 7.02 13.75 -10.65
N ARG A 307 6.53 13.27 -11.80
CA ARG A 307 6.77 13.95 -13.06
C ARG A 307 6.27 15.40 -12.99
N ALA A 308 5.04 15.61 -12.52
CA ALA A 308 4.46 16.96 -12.58
C ALA A 308 5.15 17.89 -11.59
N LEU A 309 5.49 17.39 -10.40
CA LEU A 309 6.24 18.22 -9.45
C LEU A 309 7.55 18.69 -10.05
N LEU A 310 8.27 17.78 -10.74
CA LEU A 310 9.57 18.13 -11.31
C LEU A 310 9.44 19.25 -12.35
N ILE A 311 8.57 19.08 -13.34
CA ILE A 311 8.52 20.06 -14.42
C ILE A 311 7.86 21.37 -13.98
N LYS A 312 7.09 21.38 -12.89
CA LYS A 312 6.55 22.63 -12.37
C LYS A 312 7.49 23.32 -11.38
N THR A 313 8.32 22.56 -10.66
CA THR A 313 9.23 23.16 -9.68
C THR A 313 10.49 23.74 -10.33
N PHE A 314 11.10 23.02 -11.28
CA PHE A 314 12.41 23.38 -11.82
C PHE A 314 12.35 23.63 -13.32
N LYS A 315 13.26 24.48 -13.80
CA LYS A 315 13.42 24.74 -15.22
C LYS A 315 14.41 23.76 -15.83
N GLY A 316 14.14 23.34 -17.07
CA GLY A 316 15.06 22.50 -17.80
C GLY A 316 15.08 21.02 -17.41
N ILE A 317 14.00 20.52 -16.80
CA ILE A 317 13.98 19.12 -16.44
C ILE A 317 13.67 18.28 -17.68
N ASP A 318 14.48 17.22 -17.89
CA ASP A 318 14.23 16.23 -18.92
C ASP A 318 13.60 15.00 -18.27
N LEU A 319 12.30 14.78 -18.51
CA LEU A 319 11.59 13.69 -17.84
C LEU A 319 12.10 12.32 -18.25
N ASP A 320 12.66 12.21 -19.46
CA ASP A 320 13.23 10.95 -19.90
C ASP A 320 14.45 10.54 -19.09
N GLU A 321 15.00 11.44 -18.29
CA GLU A 321 16.13 11.09 -17.43
C GLU A 321 15.69 10.71 -16.02
N LEU A 322 14.41 10.89 -15.68
CA LEU A 322 13.89 10.44 -14.40
C LEU A 322 13.89 8.91 -14.34
N ASN A 323 14.30 8.38 -13.19
CA ASN A 323 14.09 6.96 -12.88
C ASN A 323 13.37 6.85 -11.56
N MET A 324 12.33 6.01 -11.50
CA MET A 324 11.66 5.85 -10.23
C MET A 324 10.91 4.52 -10.13
N VAL A 325 10.78 4.04 -8.90
CA VAL A 325 9.82 3.00 -8.52
C VAL A 325 8.97 3.51 -7.38
N ALA A 326 7.69 3.16 -7.41
CA ALA A 326 6.74 3.47 -6.36
C ALA A 326 6.04 2.19 -5.91
N TYR A 327 5.85 2.05 -4.60
CA TYR A 327 4.93 1.06 -4.04
C TYR A 327 3.85 1.89 -3.33
N GLY A 328 2.72 2.11 -4.00
CA GLY A 328 1.75 3.04 -3.43
C GLY A 328 2.40 4.40 -3.27
N ASP A 329 2.35 4.93 -2.04
CA ASP A 329 2.90 6.26 -1.80
C ASP A 329 4.41 6.26 -1.58
N ASP A 330 5.00 5.11 -1.29
CA ASP A 330 6.44 4.99 -1.04
C ASP A 330 7.23 5.13 -2.35
N VAL A 331 8.24 5.97 -2.39
CA VAL A 331 8.90 6.29 -3.66
C VAL A 331 10.41 6.32 -3.47
N LEU A 332 11.12 5.76 -4.43
CA LEU A 332 12.55 5.95 -4.54
C LEU A 332 12.80 6.34 -5.98
N ALA A 333 13.53 7.45 -6.20
CA ALA A 333 13.72 8.00 -7.54
C ALA A 333 15.17 8.42 -7.76
N SER A 334 15.56 8.54 -9.03
CA SER A 334 16.88 9.07 -9.36
C SER A 334 16.80 10.00 -10.59
N TYR A 335 17.82 10.85 -10.70
CA TYR A 335 17.95 11.85 -11.76
C TYR A 335 19.44 12.19 -11.90
N PRO A 336 19.92 12.61 -13.08
CA PRO A 336 21.38 12.80 -13.25
C PRO A 336 21.97 13.90 -12.39
N PHE A 337 21.15 14.85 -11.96
CA PHE A 337 21.61 15.92 -11.10
C PHE A 337 20.79 15.90 -9.82
N PRO A 338 21.34 16.35 -8.70
CA PRO A 338 20.59 16.29 -7.45
C PRO A 338 19.32 17.11 -7.52
N ILE A 339 18.29 16.64 -6.82
CA ILE A 339 16.96 17.25 -6.84
C ILE A 339 16.62 17.70 -5.43
N ASP A 340 16.24 18.96 -5.28
CA ASP A 340 15.94 19.54 -3.97
C ASP A 340 14.46 19.31 -3.67
N CYS A 341 14.17 18.41 -2.72
CA CYS A 341 12.79 18.12 -2.35
C CYS A 341 12.18 19.18 -1.46
N LEU A 342 12.99 20.06 -0.88
CA LEU A 342 12.40 21.22 -0.23
C LEU A 342 11.51 21.99 -1.20
N GLU A 343 11.98 22.15 -2.45
CA GLU A 343 11.19 22.84 -3.47
C GLU A 343 10.10 21.94 -4.04
N LEU A 344 10.37 20.64 -4.20
CA LEU A 344 9.31 19.72 -4.60
C LEU A 344 8.15 19.76 -3.61
N ALA A 345 8.47 19.86 -2.32
CA ALA A 345 7.42 19.84 -1.30
C ALA A 345 6.61 21.14 -1.30
N ARG A 346 7.23 22.30 -1.57
CA ARG A 346 6.44 23.52 -1.71
C ARG A 346 5.47 23.40 -2.88
N THR A 347 5.97 22.96 -4.05
CA THR A 347 5.08 22.71 -5.17
C THR A 347 4.00 21.71 -4.79
N GLY A 348 4.38 20.69 -4.01
CA GLY A 348 3.43 19.67 -3.64
C GLY A 348 2.30 20.22 -2.79
N LYS A 349 2.61 21.15 -1.89
CA LYS A 349 1.57 21.80 -1.08
C LYS A 349 0.52 22.44 -1.98
N GLU A 350 0.94 23.02 -3.11
CA GLU A 350 -0.05 23.63 -4.01
C GLU A 350 -1.00 22.58 -4.57
N TYR A 351 -0.50 21.39 -4.82
CA TYR A 351 -1.28 20.26 -5.31
C TYR A 351 -2.00 19.51 -4.18
N GLY A 352 -1.95 20.02 -2.95
CA GLY A 352 -2.66 19.38 -1.87
C GLY A 352 -1.93 18.21 -1.24
N LEU A 353 -0.65 18.05 -1.53
CA LEU A 353 0.17 16.96 -1.02
C LEU A 353 1.11 17.46 0.07
N THR A 354 1.24 16.69 1.14
CA THR A 354 2.09 17.05 2.28
C THR A 354 3.31 16.14 2.30
N MET A 355 4.48 16.71 2.04
CA MET A 355 5.70 15.95 1.84
C MET A 355 6.76 16.40 2.86
N THR A 356 7.40 15.44 3.50
CA THR A 356 8.31 15.68 4.60
C THR A 356 9.61 14.91 4.38
N PRO A 357 10.71 15.32 5.02
CA PRO A 357 12.02 14.71 4.74
C PRO A 357 12.05 13.20 4.92
N ALA A 358 12.86 12.53 4.09
CA ALA A 358 12.98 11.08 4.12
C ALA A 358 13.63 10.60 5.42
N ASP A 359 14.60 11.34 5.94
CA ASP A 359 15.24 10.94 7.18
C ASP A 359 14.40 11.27 8.42
N LYS A 360 13.16 11.74 8.25
CA LYS A 360 12.22 12.10 9.31
C LYS A 360 12.68 13.29 10.13
N SER A 361 13.77 13.95 9.74
CA SER A 361 14.20 15.24 10.26
C SER A 361 13.21 16.35 9.88
N PRO A 362 13.39 17.56 10.42
CA PRO A 362 12.69 18.72 9.86
C PRO A 362 13.36 19.29 8.62
N CYS A 363 14.52 18.78 8.25
CA CYS A 363 15.26 19.31 7.11
C CYS A 363 15.36 18.27 6.01
N PHE A 364 15.31 18.75 4.78
CA PHE A 364 15.46 17.88 3.61
C PHE A 364 16.95 17.71 3.37
N ASN A 365 17.49 16.57 3.76
CA ASN A 365 18.90 16.25 3.61
C ASN A 365 19.10 15.27 2.46
N GLU A 366 20.34 15.20 2.00
CA GLU A 366 20.67 14.35 0.85
C GLU A 366 20.25 12.91 1.12
N VAL A 367 19.69 12.28 0.09
CA VAL A 367 19.40 10.85 0.09
C VAL A 367 20.41 10.16 -0.80
N ASN A 368 21.11 9.18 -0.23
CA ASN A 368 22.04 8.33 -0.96
C ASN A 368 21.78 6.89 -0.58
N TRP A 369 22.60 5.99 -1.13
CA TRP A 369 22.41 4.56 -0.89
C TRP A 369 22.70 4.15 0.56
N ASP A 370 23.47 4.96 1.31
CA ASP A 370 23.74 4.61 2.71
C ASP A 370 22.61 4.98 3.65
N ASN A 371 21.70 5.87 3.26
CA ASN A 371 20.54 6.16 4.12
C ASN A 371 19.19 6.01 3.43
N ALA A 372 19.14 5.65 2.15
CA ALA A 372 17.87 5.41 1.50
C ALA A 372 17.15 4.23 2.13
N THR A 373 15.83 4.33 2.22
CA THR A 373 14.98 3.22 2.63
C THR A 373 13.81 3.11 1.66
N PHE A 374 13.30 1.90 1.51
CA PHE A 374 12.19 1.65 0.61
C PHE A 374 11.49 0.42 1.18
N LEU A 375 10.17 0.43 1.26
CA LEU A 375 9.44 -0.62 1.99
C LEU A 375 10.06 -0.83 3.37
N LYS A 376 10.48 0.28 4.00
CA LYS A 376 11.09 0.35 5.33
C LYS A 376 12.48 -0.28 5.41
N ARG A 377 13.06 -0.72 4.29
CA ARG A 377 14.32 -1.43 4.32
C ARG A 377 15.43 -0.55 3.80
N GLY A 378 16.61 -0.63 4.43
CA GLY A 378 17.79 0.05 3.93
C GLY A 378 18.45 -0.76 2.81
N PHE A 379 19.61 -0.25 2.37
CA PHE A 379 20.40 -0.88 1.31
C PHE A 379 21.81 -1.05 1.84
N LEU A 380 22.30 -2.29 1.90
CA LEU A 380 23.61 -2.59 2.49
C LEU A 380 24.38 -3.51 1.56
N PRO A 381 25.47 -3.05 0.94
CA PRO A 381 26.23 -3.95 0.06
C PRO A 381 26.76 -5.17 0.81
N ASP A 382 26.72 -6.32 0.15
CA ASP A 382 27.34 -7.51 0.72
C ASP A 382 28.84 -7.26 0.93
N GLU A 383 29.39 -7.88 1.98
CA GLU A 383 30.79 -7.67 2.32
C GLU A 383 31.71 -8.41 1.36
N GLN A 384 31.30 -9.61 0.92
CA GLN A 384 32.08 -10.39 -0.02
C GLN A 384 31.82 -9.95 -1.46
N PHE A 385 30.55 -9.87 -1.85
CA PHE A 385 30.13 -9.57 -3.22
C PHE A 385 29.40 -8.23 -3.26
N PRO A 386 30.12 -7.12 -3.43
CA PRO A 386 29.49 -5.79 -3.26
C PRO A 386 28.43 -5.46 -4.29
N PHE A 387 28.33 -6.21 -5.39
CA PHE A 387 27.22 -5.98 -6.30
C PHE A 387 25.90 -6.56 -5.77
N LEU A 388 25.94 -7.45 -4.80
CA LEU A 388 24.73 -8.00 -4.19
C LEU A 388 24.36 -7.12 -3.01
N ILE A 389 23.10 -6.69 -2.97
CA ILE A 389 22.67 -5.67 -2.01
C ILE A 389 21.64 -6.26 -1.07
N HIS A 390 21.93 -6.20 0.23
CA HIS A 390 21.03 -6.65 1.30
C HIS A 390 19.92 -5.62 1.54
N PRO A 391 18.66 -6.02 1.57
CA PRO A 391 17.62 -5.17 2.16
C PRO A 391 17.65 -5.30 3.67
N THR A 392 17.78 -4.17 4.36
CA THR A 392 17.99 -4.17 5.81
C THR A 392 16.75 -3.60 6.52
N MET A 393 15.88 -4.48 6.96
CA MET A 393 14.82 -4.08 7.88
C MET A 393 15.45 -3.74 9.22
N PRO A 394 15.23 -2.53 9.76
CA PRO A 394 15.83 -2.17 11.04
C PRO A 394 15.42 -3.15 12.15
N MET A 395 16.39 -3.53 12.97
CA MET A 395 16.11 -4.41 14.11
C MET A 395 15.02 -3.83 15.01
N LYS A 396 14.90 -2.49 15.05
CA LYS A 396 13.87 -1.86 15.89
C LYS A 396 12.47 -2.26 15.46
N GLU A 397 12.22 -2.34 14.14
CA GLU A 397 10.92 -2.80 13.67
C GLU A 397 10.70 -4.28 14.00
N ILE A 398 11.74 -5.10 13.90
CA ILE A 398 11.59 -6.52 14.18
C ILE A 398 11.26 -6.74 15.65
N HIS A 399 11.88 -5.94 16.52
CA HIS A 399 11.57 -5.99 17.93
C HIS A 399 10.10 -5.65 18.18
N GLU A 400 9.56 -4.62 17.50
CA GLU A 400 8.17 -4.27 17.71
C GLU A 400 7.26 -5.44 17.33
N SER A 401 7.53 -6.07 16.18
CA SER A 401 6.67 -7.15 15.73
C SER A 401 6.69 -8.33 16.71
N ILE A 402 7.88 -8.70 17.19
CA ILE A 402 7.99 -9.98 17.94
C ILE A 402 7.34 -9.91 19.32
N ARG A 403 7.11 -8.69 19.84
CA ARG A 403 6.59 -8.51 21.19
C ARG A 403 5.09 -8.79 21.31
N TRP A 404 4.41 -9.04 20.19
CA TRP A 404 2.98 -9.21 20.22
C TRP A 404 2.63 -10.40 19.33
N THR A 405 1.41 -10.93 19.49
CA THR A 405 0.89 -11.96 18.60
C THR A 405 -0.63 -11.87 18.58
N LYS A 406 -1.22 -12.34 17.49
CA LYS A 406 -2.66 -12.55 17.38
C LYS A 406 -3.08 -14.01 17.55
N ASP A 407 -2.12 -14.94 17.51
CA ASP A 407 -2.40 -16.37 17.75
C ASP A 407 -1.07 -17.02 18.13
N ALA A 408 -0.85 -17.23 19.43
CA ALA A 408 0.42 -17.80 19.86
C ALA A 408 0.66 -19.20 19.30
N ARG A 409 -0.36 -19.85 18.75
CA ARG A 409 -0.16 -21.16 18.12
C ARG A 409 0.85 -21.10 16.97
N ASN A 410 1.06 -19.93 16.34
CA ASN A 410 1.95 -19.82 15.19
C ASN A 410 3.23 -19.05 15.51
N THR A 411 3.65 -19.10 16.78
CA THR A 411 4.87 -18.41 17.21
C THR A 411 6.08 -18.79 16.37
N GLN A 412 6.20 -20.07 16.01
CA GLN A 412 7.41 -20.50 15.31
C GLN A 412 7.50 -19.87 13.93
N ASP A 413 6.39 -19.81 13.20
CA ASP A 413 6.38 -19.16 11.90
C ASP A 413 6.67 -17.68 12.02
N HIS A 414 6.07 -17.03 13.01
CA HIS A 414 6.29 -15.60 13.23
C HIS A 414 7.78 -15.32 13.41
N VAL A 415 8.43 -16.08 14.30
CA VAL A 415 9.84 -15.88 14.61
C VAL A 415 10.71 -16.20 13.40
N ARG A 416 10.39 -17.29 12.71
CA ARG A 416 11.15 -17.63 11.51
C ARG A 416 11.09 -16.51 10.47
N SER A 417 9.89 -15.91 10.28
CA SER A 417 9.75 -14.79 9.34
C SER A 417 10.64 -13.63 9.72
N LEU A 418 10.69 -13.32 11.02
CA LEU A 418 11.50 -12.19 11.48
C LEU A 418 12.99 -12.48 11.32
N CYS A 419 13.40 -13.74 11.62
CA CYS A 419 14.77 -14.18 11.32
C CYS A 419 15.11 -13.99 9.84
N LEU A 420 14.20 -14.36 8.94
CA LEU A 420 14.45 -14.17 7.50
C LEU A 420 14.68 -12.70 7.17
N LEU A 421 14.05 -11.78 7.92
CA LEU A 421 14.29 -10.36 7.74
C LEU A 421 15.57 -9.92 8.45
N ALA A 422 15.88 -10.53 9.59
CA ALA A 422 16.88 -9.94 10.48
C ALA A 422 18.31 -10.27 10.07
N TRP A 423 18.55 -11.44 9.47
CA TRP A 423 19.92 -11.83 9.21
C TRP A 423 20.62 -10.85 8.28
N HIS A 424 19.86 -10.12 7.45
CA HIS A 424 20.46 -9.16 6.53
C HIS A 424 21.25 -8.06 7.23
N ASN A 425 21.01 -7.83 8.52
CA ASN A 425 21.79 -6.85 9.26
C ASN A 425 23.14 -7.38 9.74
N GLY A 426 23.49 -8.61 9.40
CA GLY A 426 24.82 -9.12 9.66
C GLY A 426 24.84 -10.16 10.76
N LYS A 427 26.01 -10.80 10.90
CA LYS A 427 26.14 -11.95 11.79
C LYS A 427 26.00 -11.56 13.26
N GLN A 428 26.68 -10.48 13.69
CA GLN A 428 26.60 -10.09 15.10
C GLN A 428 25.18 -9.72 15.50
N GLU A 429 24.48 -8.93 14.68
CA GLU A 429 23.12 -8.54 15.00
C GLU A 429 22.20 -9.76 15.03
N TYR A 430 22.37 -10.67 14.07
CA TYR A 430 21.52 -11.85 14.02
C TYR A 430 21.73 -12.74 15.23
N GLU A 431 22.99 -12.98 15.63
CA GLU A 431 23.25 -13.86 16.75
C GLU A 431 22.72 -13.26 18.05
N LYS A 432 22.80 -11.93 18.16
CA LYS A 432 22.26 -11.27 19.33
C LYS A 432 20.75 -11.44 19.37
N PHE A 433 20.10 -11.40 18.19
CA PHE A 433 18.66 -11.59 18.08
C PHE A 433 18.26 -13.00 18.51
N VAL A 434 18.91 -14.02 17.93
CA VAL A 434 18.56 -15.40 18.24
C VAL A 434 18.81 -15.71 19.71
N SER A 435 19.90 -15.18 20.25
CA SER A 435 20.24 -15.47 21.64
C SER A 435 19.26 -14.80 22.60
N ALA A 436 18.74 -13.61 22.26
CA ALA A 436 17.68 -13.03 23.08
C ALA A 436 16.41 -13.86 22.99
N ILE A 437 16.05 -14.30 21.78
CA ILE A 437 14.91 -15.19 21.60
C ILE A 437 15.07 -16.43 22.48
N ARG A 438 16.28 -16.97 22.55
CA ARG A 438 16.53 -18.22 23.26
C ARG A 438 16.62 -18.04 24.77
N SER A 439 16.55 -16.81 25.27
CA SER A 439 16.64 -16.54 26.70
C SER A 439 15.34 -16.80 27.46
N VAL A 440 14.28 -17.26 26.79
CA VAL A 440 13.05 -17.61 27.51
C VAL A 440 12.62 -19.00 27.05
N PRO A 441 11.81 -19.70 27.86
CA PRO A 441 11.57 -21.13 27.56
C PRO A 441 10.96 -21.40 26.19
N VAL A 442 9.93 -20.63 25.75
CA VAL A 442 9.41 -20.89 24.40
C VAL A 442 10.53 -20.76 23.36
N GLY A 443 11.44 -19.80 23.57
CA GLY A 443 12.51 -19.60 22.60
C GLY A 443 13.39 -20.82 22.40
N LYS A 444 13.65 -21.57 23.48
CA LYS A 444 14.46 -22.78 23.36
C LYS A 444 13.70 -23.91 22.68
N ALA A 445 12.39 -23.77 22.50
CA ALA A 445 11.61 -24.80 21.82
C ALA A 445 11.42 -24.54 20.33
N LEU A 446 12.02 -23.49 19.79
CA LEU A 446 11.77 -23.09 18.41
C LEU A 446 12.90 -23.55 17.49
N ALA A 447 12.53 -24.02 16.29
CA ALA A 447 13.48 -24.23 15.20
C ALA A 447 13.83 -22.87 14.59
N ILE A 448 15.05 -22.43 14.79
CA ILE A 448 15.52 -21.11 14.38
C ILE A 448 16.51 -21.29 13.24
N PRO A 449 16.36 -20.56 12.13
CA PRO A 449 17.31 -20.70 11.01
C PRO A 449 18.73 -20.37 11.43
N ASN A 450 19.67 -21.15 10.91
CA ASN A 450 21.07 -20.88 11.13
C ASN A 450 21.55 -19.78 10.17
N TYR A 451 22.41 -18.89 10.65
CA TYR A 451 22.81 -17.72 9.86
C TYR A 451 23.52 -18.12 8.57
N GLU A 452 24.43 -19.08 8.67
CA GLU A 452 25.18 -19.51 7.49
C GLU A 452 24.24 -20.12 6.47
N ASN A 453 23.18 -20.78 6.93
CA ASN A 453 22.23 -21.34 5.97
C ASN A 453 21.44 -20.25 5.30
N LEU A 454 21.08 -19.22 6.07
CA LEU A 454 20.35 -18.07 5.51
C LEU A 454 21.16 -17.41 4.41
N ARG A 455 22.40 -17.04 4.73
CA ARG A 455 23.29 -16.41 3.75
C ARG A 455 23.49 -17.31 2.53
N ARG A 456 23.66 -18.61 2.72
CA ARG A 456 23.86 -19.50 1.58
C ARG A 456 22.60 -19.61 0.71
N ASN A 457 21.41 -19.68 1.33
CA ASN A 457 20.18 -19.67 0.53
C ASN A 457 20.03 -18.38 -0.26
N TRP A 458 20.40 -17.26 0.34
CA TRP A 458 20.30 -15.98 -0.36
C TRP A 458 21.26 -15.93 -1.55
N LEU A 459 22.52 -16.29 -1.34
CA LEU A 459 23.46 -16.33 -2.46
C LEU A 459 22.96 -17.23 -3.59
N GLU A 460 22.32 -18.35 -3.25
CA GLU A 460 21.86 -19.30 -4.27
C GLU A 460 20.75 -18.73 -5.16
N LEU A 461 20.05 -17.66 -4.71
CA LEU A 461 19.09 -16.98 -5.59
C LEU A 461 19.79 -16.37 -6.80
N PHE A 462 21.06 -15.99 -6.63
CA PHE A 462 21.85 -15.37 -7.69
C PHE A 462 22.83 -16.34 -8.34
N HIS A 463 22.97 -17.56 -7.79
CA HIS A 463 23.93 -18.61 -8.18
C HIS A 463 25.38 -18.28 -7.81
N HIS A 464 25.63 -17.22 -7.03
CA HIS A 464 26.99 -16.78 -6.70
C HIS A 464 27.33 -17.11 -5.26
ZN ZN D . -21.49 11.43 -3.05
S SO4 E . 12.50 -9.16 -8.71
O1 SO4 E . 12.01 -10.42 -9.25
O2 SO4 E . 13.90 -9.26 -8.29
O3 SO4 E . 12.39 -8.15 -9.74
O4 SO4 E . 11.70 -8.82 -7.54
S SO4 F . 3.05 3.57 13.53
O1 SO4 F . 2.80 2.13 13.28
O2 SO4 F . 4.43 3.75 14.00
O3 SO4 F . 2.12 4.05 14.56
O4 SO4 F . 2.87 4.35 12.30
P1 POP G . -0.95 5.69 5.76
O1 POP G . -0.08 4.50 5.42
O2 POP G . -0.68 6.86 4.82
O3 POP G . -2.41 5.26 5.64
O POP G . -0.64 6.04 7.32
P2 POP G . -0.46 7.49 7.99
O4 POP G . 0.54 7.35 9.13
O5 POP G . -1.80 7.86 8.59
O6 POP G . 0.03 8.55 6.98
#